data_1Z32
#
_entry.id   1Z32
#
_cell.length_a   51.657
_cell.length_b   73.513
_cell.length_c   134.362
_cell.angle_alpha   90.00
_cell.angle_beta   90.00
_cell.angle_gamma   90.00
#
_symmetry.space_group_name_H-M   'P 21 21 21'
#
loop_
_entity.id
_entity.type
_entity.pdbx_description
1 polymer 'Salivary alpha-amylase'
2 non-polymer alpha-D-glucopyranose
3 non-polymer 4-amino-4,6-dideoxy-alpha-D-glucopyranose
4 non-polymer 5-HYDROXYMETHYL-CHONDURITOL
5 non-polymer 'CALCIUM ION'
6 non-polymer 'CHLORIDE ION'
7 water water
#
_entity_poly.entity_id   1
_entity_poly.type   'polypeptide(L)'
_entity_poly.pdbx_seq_one_letter_code
;(PCA)YSSNTQQGRTSIVHLFEWRWVDIALECERYLAPKGFGGVQVSPPNENVAIHNPFRPWWERYQPVSYKLCTRSGNE
DEFRNMVTRCNNVGVRIYVDAVINHMCGNAVSAGTSSTCGSYFNPGSRDFPAVPYSGWDFNDGKCKTGSGDIENMNDATQ
VRDCRLSGLLDLALGKDYVRSKIAEYMNHLIDIGVAGFRIDASKHMWPGDIKAILDKLHNLNSNWFPEGSKPFIYQEVID
LGGEPIKSSDYFGNGRVTEFKYGAKLGTVIRKWNGEKMSYLKNWGEGWGFMPSDRALVFVDNHDNQRGHGAGGASILTFW
DARLYKMAVGFMLAHPYGFTRVMSSYRWPRYFENGKDVNDWVGPPNDNGVTKEVTINPDTTCGNDWVCEHRWRQIRNMVN
FRNVVDGQPFTNWYDNGSNQVAFGRGNRGFIVFNNDDWTFSLTLQTGLPAGTYCDVISGDKINGNCTGIKIYVSDDGKAH
FSISNSAEDPFIAIHAESKL
;
_entity_poly.pdbx_strand_id   X
#
# COMPACT_ATOMS: atom_id res chain seq x y z
N TYR A 2 6.86 11.78 -9.50
CA TYR A 2 6.62 10.45 -10.07
C TYR A 2 7.66 9.43 -9.63
N SER A 3 8.84 9.93 -9.24
CA SER A 3 9.97 9.10 -8.80
C SER A 3 9.77 8.72 -7.34
N SER A 4 9.99 7.44 -7.01
CA SER A 4 9.79 6.98 -5.63
C SER A 4 10.82 7.52 -4.64
N ASN A 5 12.01 7.89 -5.13
CA ASN A 5 13.14 8.28 -4.27
C ASN A 5 13.69 7.14 -3.43
N THR A 6 13.37 5.90 -3.81
CA THR A 6 13.98 4.72 -3.18
C THR A 6 15.41 4.59 -3.66
N GLN A 7 16.20 3.81 -2.94
CA GLN A 7 17.55 3.49 -3.38
C GLN A 7 17.50 2.70 -4.67
N GLN A 8 18.52 2.87 -5.51
CA GLN A 8 18.68 2.02 -6.68
C GLN A 8 18.82 0.58 -6.18
N GLY A 9 18.01 -0.31 -6.74
CA GLY A 9 18.03 -1.69 -6.36
C GLY A 9 16.97 -2.08 -5.35
N ARG A 10 16.15 -1.11 -4.94
CA ARG A 10 14.98 -1.38 -4.08
C ARG A 10 13.73 -0.85 -4.76
N THR A 11 12.65 -1.64 -4.77
CA THR A 11 11.56 -1.41 -5.74
C THR A 11 10.14 -1.48 -5.17
N SER A 12 9.97 -1.73 -3.87
CA SER A 12 8.64 -1.81 -3.28
C SER A 12 8.49 -0.99 -2.02
N ILE A 13 7.25 -0.60 -1.73
CA ILE A 13 6.87 -0.03 -0.44
C ILE A 13 6.07 -1.07 0.34
N VAL A 14 6.24 -1.11 1.66
CA VAL A 14 5.37 -1.92 2.52
C VAL A 14 4.51 -1.00 3.39
N HIS A 15 3.21 -1.29 3.47
CA HIS A 15 2.33 -0.55 4.37
C HIS A 15 2.36 -1.21 5.76
N LEU A 16 3.04 -0.56 6.71
CA LEU A 16 3.07 -1.07 8.09
C LEU A 16 1.92 -0.44 8.86
N PHE A 17 0.73 -0.96 8.57
CA PHE A 17 -0.55 -0.38 8.96
C PHE A 17 -0.68 -0.38 10.48
N GLU A 18 -0.82 0.83 11.04
CA GLU A 18 -1.01 1.07 12.49
C GLU A 18 0.21 0.75 13.35
N TRP A 19 1.34 0.41 12.73
CA TRP A 19 2.55 0.15 13.52
C TRP A 19 3.00 1.40 14.25
N ARG A 20 3.57 1.22 15.44
CA ARG A 20 4.20 2.30 16.19
C ARG A 20 5.55 2.70 15.58
N TRP A 21 5.92 3.97 15.75
CA TRP A 21 7.17 4.49 15.17
C TRP A 21 8.42 3.74 15.65
N VAL A 22 8.49 3.42 16.94
CA VAL A 22 9.65 2.72 17.48
C VAL A 22 9.82 1.34 16.87
N ASP A 23 8.69 0.69 16.57
CA ASP A 23 8.72 -0.61 15.93
C ASP A 23 9.13 -0.53 14.46
N ILE A 24 8.63 0.47 13.74
CA ILE A 24 9.07 0.67 12.37
C ILE A 24 10.57 0.98 12.32
N ALA A 25 11.06 1.84 13.22
CA ALA A 25 12.49 2.15 13.28
C ALA A 25 13.35 0.89 13.41
N LEU A 26 12.99 0.02 14.34
CA LEU A 26 13.68 -1.26 14.52
C LEU A 26 13.55 -2.13 13.29
N GLU A 27 12.35 -2.16 12.72
CA GLU A 27 12.09 -2.98 11.55
C GLU A 27 12.93 -2.56 10.35
N CYS A 28 13.13 -1.26 10.17
CA CYS A 28 14.01 -0.77 9.10
C CYS A 28 15.41 -1.35 9.23
N GLU A 29 15.93 -1.34 10.45
CA GLU A 29 17.31 -1.73 10.71
C GLU A 29 17.51 -3.24 10.67
N ARG A 30 16.57 -3.99 11.25
CA ARG A 30 16.75 -5.42 11.45
C ARG A 30 16.24 -6.26 10.29
N TYR A 31 15.37 -5.68 9.46
CA TYR A 31 14.70 -6.46 8.43
C TYR A 31 14.57 -5.78 7.08
N LEU A 32 14.00 -4.57 7.04
CA LEU A 32 13.64 -3.96 5.76
C LEU A 32 14.88 -3.63 4.94
N ALA A 33 15.91 -3.08 5.57
CA ALA A 33 17.15 -2.78 4.86
C ALA A 33 17.86 -4.03 4.34
N PRO A 34 18.19 -5.00 5.20
CA PRO A 34 18.87 -6.20 4.69
C PRO A 34 18.05 -7.03 3.70
N LYS A 35 16.72 -6.93 3.73
CA LYS A 35 15.87 -7.66 2.78
C LYS A 35 15.51 -6.85 1.52
N GLY A 36 16.04 -5.64 1.40
CA GLY A 36 15.90 -4.86 0.18
C GLY A 36 14.57 -4.19 -0.05
N PHE A 37 13.81 -3.91 1.01
CA PHE A 37 12.57 -3.13 0.90
C PHE A 37 12.90 -1.65 0.62
N GLY A 38 12.12 -1.05 -0.27
CA GLY A 38 12.35 0.33 -0.66
C GLY A 38 11.90 1.35 0.36
N GLY A 39 10.78 1.07 1.02
CA GLY A 39 10.26 2.03 1.97
C GLY A 39 9.00 1.56 2.66
N VAL A 40 8.46 2.43 3.51
CA VAL A 40 7.34 2.10 4.39
C VAL A 40 6.28 3.19 4.25
N GLN A 41 5.04 2.78 3.98
CA GLN A 41 3.89 3.68 4.15
C GLN A 41 3.44 3.61 5.59
N VAL A 42 3.45 4.76 6.27
CA VAL A 42 3.01 4.85 7.65
C VAL A 42 1.54 5.32 7.73
N SER A 43 0.89 4.92 8.81
CA SER A 43 -0.43 5.46 9.16
C SER A 43 -0.34 6.98 9.38
N PRO A 44 -1.46 7.70 9.26
CA PRO A 44 -1.44 9.16 9.43
C PRO A 44 -0.72 9.57 10.72
N PRO A 45 0.35 10.38 10.64
CA PRO A 45 1.11 10.75 11.84
C PRO A 45 0.60 11.96 12.59
N ASN A 46 -0.46 12.59 12.09
CA ASN A 46 -1.06 13.76 12.72
C ASN A 46 -2.17 13.36 13.71
N GLU A 47 -2.36 14.21 14.71
CA GLU A 47 -3.36 14.00 15.77
C GLU A 47 -4.77 13.80 15.23
N ASN A 48 -5.46 12.79 15.78
CA ASN A 48 -6.82 12.46 15.34
C ASN A 48 -7.79 12.38 16.52
N VAL A 49 -9.09 12.25 16.22
CA VAL A 49 -10.10 12.02 17.24
C VAL A 49 -9.90 10.65 17.88
N ALA A 50 -9.94 10.60 19.21
CA ALA A 50 -9.98 9.34 19.94
C ALA A 50 -11.45 8.93 20.04
N ILE A 51 -11.82 7.91 19.28
CA ILE A 51 -13.21 7.47 19.18
C ILE A 51 -13.40 6.27 20.11
N HIS A 52 -14.34 6.36 21.05
CA HIS A 52 -14.52 5.30 22.02
C HIS A 52 -15.75 4.43 21.79
N ASN A 53 -16.61 4.88 20.86
CA ASN A 53 -17.68 4.05 20.31
C ASN A 53 -17.71 4.09 18.78
N PRO A 54 -17.29 3.02 18.10
CA PRO A 54 -16.79 1.78 18.73
C PRO A 54 -15.39 2.00 19.31
N PHE A 55 -14.79 0.98 19.93
CA PHE A 55 -13.58 1.18 20.71
C PHE A 55 -12.31 1.35 19.87
N ARG A 56 -11.88 2.59 19.70
CA ARG A 56 -10.61 2.93 19.02
C ARG A 56 -10.46 2.24 17.65
N PRO A 57 -11.38 2.51 16.73
CA PRO A 57 -11.37 1.85 15.41
C PRO A 57 -10.14 2.32 14.62
N TRP A 58 -9.70 1.50 13.67
CA TRP A 58 -8.58 1.94 12.83
C TRP A 58 -8.96 3.26 12.15
N TRP A 59 -10.23 3.41 11.80
CA TRP A 59 -10.65 4.57 11.00
C TRP A 59 -10.67 5.90 11.75
N GLU A 60 -10.43 5.89 13.06
CA GLU A 60 -10.34 7.16 13.79
C GLU A 60 -9.19 8.01 13.26
N ARG A 61 -8.17 7.36 12.69
CA ARG A 61 -6.99 8.06 12.21
C ARG A 61 -7.24 8.82 10.92
N TYR A 62 -8.42 8.64 10.33
CA TYR A 62 -8.83 9.38 9.15
C TYR A 62 -9.75 10.56 9.49
N GLN A 63 -9.74 10.91 10.78
CA GLN A 63 -10.47 12.07 11.32
C GLN A 63 -9.51 13.01 12.09
N PRO A 64 -8.80 13.88 11.35
CA PRO A 64 -7.85 14.81 11.97
C PRO A 64 -8.45 15.80 12.98
N VAL A 65 -7.66 16.09 14.01
CA VAL A 65 -7.92 17.15 14.99
C VAL A 65 -6.90 18.29 14.87
N SER A 66 -5.66 17.95 14.49
CA SER A 66 -4.60 18.96 14.29
C SER A 66 -3.49 18.34 13.45
N TYR A 67 -2.42 19.11 13.24
CA TYR A 67 -1.23 18.60 12.55
C TYR A 67 -0.05 18.32 13.50
N LYS A 68 -0.33 18.24 14.80
CA LYS A 68 0.66 17.77 15.78
C LYS A 68 0.97 16.32 15.49
N LEU A 69 2.25 15.97 15.57
CA LEU A 69 2.67 14.59 15.28
C LEU A 69 2.56 13.73 16.52
N CYS A 70 1.32 13.38 16.86
CA CYS A 70 1.00 12.85 18.17
C CYS A 70 -0.19 11.92 18.05
N THR A 71 0.11 10.62 18.01
CA THR A 71 -0.88 9.58 17.70
C THR A 71 -0.61 8.32 18.51
N ARG A 72 -1.45 7.31 18.32
CA ARG A 72 -1.20 6.01 18.93
C ARG A 72 0.10 5.37 18.45
N SER A 73 0.61 5.80 17.29
CA SER A 73 1.90 5.29 16.82
C SER A 73 3.07 5.93 17.55
N GLY A 74 2.86 7.10 18.14
CA GLY A 74 3.92 7.78 18.88
C GLY A 74 3.91 9.28 18.75
N ASN A 75 4.88 9.91 19.41
CA ASN A 75 5.00 11.35 19.42
C ASN A 75 6.00 11.85 18.38
N GLU A 76 6.25 13.16 18.35
CA GLU A 76 7.11 13.74 17.33
C GLU A 76 8.54 13.23 17.40
N ASP A 77 9.10 13.12 18.62
CA ASP A 77 10.46 12.62 18.77
C ASP A 77 10.58 11.20 18.25
N GLU A 78 9.59 10.37 18.53
CA GLU A 78 9.56 9.00 18.03
C GLU A 78 9.46 8.95 16.51
N PHE A 79 8.61 9.81 15.96
CA PHE A 79 8.46 9.90 14.51
C PHE A 79 9.78 10.33 13.85
N ARG A 80 10.40 11.39 14.36
CA ARG A 80 11.68 11.87 13.83
C ARG A 80 12.78 10.80 13.93
N ASN A 81 12.84 10.11 15.07
CA ASN A 81 13.78 9.03 15.30
C ASN A 81 13.62 7.92 14.26
N MET A 82 12.37 7.58 13.96
CA MET A 82 12.06 6.56 12.95
C MET A 82 12.52 6.98 11.56
N VAL A 83 12.22 8.21 11.17
CA VAL A 83 12.56 8.67 9.82
C VAL A 83 14.08 8.68 9.65
N THR A 84 14.76 9.18 10.67
CA THR A 84 16.21 9.24 10.63
C THR A 84 16.84 7.85 10.53
N ARG A 85 16.41 6.96 11.41
CA ARG A 85 17.00 5.63 11.46
C ARG A 85 16.71 4.83 10.19
N CYS A 86 15.50 5.00 9.64
CA CYS A 86 15.14 4.38 8.38
C CYS A 86 15.96 4.93 7.21
N ASN A 87 16.00 6.26 7.06
CA ASN A 87 16.82 6.88 6.01
C ASN A 87 18.29 6.47 6.09
N ASN A 88 18.80 6.35 7.31
CA ASN A 88 20.21 5.99 7.51
C ASN A 88 20.57 4.59 7.02
N VAL A 89 19.57 3.71 6.92
CA VAL A 89 19.80 2.38 6.34
C VAL A 89 19.19 2.23 4.94
N GLY A 90 18.77 3.36 4.37
CA GLY A 90 18.32 3.43 2.98
C GLY A 90 16.89 2.95 2.76
N VAL A 91 16.06 3.05 3.80
CA VAL A 91 14.65 2.68 3.72
C VAL A 91 13.81 3.95 3.91
N ARG A 92 12.98 4.27 2.92
CA ARG A 92 12.26 5.55 2.92
C ARG A 92 10.95 5.48 3.71
N ILE A 93 10.44 6.65 4.09
CA ILE A 93 9.14 6.77 4.76
C ILE A 93 8.18 7.59 3.90
N TYR A 94 6.96 7.08 3.73
CA TYR A 94 5.91 7.74 2.95
C TYR A 94 4.73 7.95 3.87
N VAL A 95 4.29 9.20 3.99
CA VAL A 95 3.23 9.55 4.94
C VAL A 95 1.85 9.54 4.28
N ASP A 96 0.90 8.90 4.97
CA ASP A 96 -0.52 8.94 4.65
C ASP A 96 -1.04 10.32 5.06
N ALA A 97 -1.24 11.18 4.06
CA ALA A 97 -1.60 12.59 4.27
C ALA A 97 -3.13 12.74 4.20
N VAL A 98 -3.74 13.01 5.36
CA VAL A 98 -5.18 13.17 5.45
C VAL A 98 -5.48 14.69 5.44
N ILE A 99 -5.81 15.19 4.25
CA ILE A 99 -5.82 16.64 3.99
C ILE A 99 -7.11 17.16 3.36
N ASN A 100 -8.02 16.25 3.02
CA ASN A 100 -9.31 16.64 2.47
C ASN A 100 -10.24 17.18 3.54
N HIS A 101 -10.05 16.74 4.78
CA HIS A 101 -11.06 16.94 5.81
C HIS A 101 -10.48 16.95 7.21
N MET A 102 -11.27 17.44 8.16
CA MET A 102 -11.01 17.21 9.57
C MET A 102 -11.91 16.05 10.02
N CYS A 103 -12.48 16.11 11.21
CA CYS A 103 -13.28 14.99 11.70
C CYS A 103 -14.76 15.10 11.33
N GLY A 104 -15.53 14.08 11.70
CA GLY A 104 -16.96 14.02 11.43
C GLY A 104 -17.71 15.14 12.10
N ASN A 105 -18.71 15.68 11.40
CA ASN A 105 -19.45 16.84 11.88
C ASN A 105 -20.28 16.57 13.13
N ALA A 106 -20.50 15.29 13.43
CA ALA A 106 -21.30 14.90 14.61
C ALA A 106 -20.48 14.44 15.82
N VAL A 107 -19.15 14.47 15.70
CA VAL A 107 -18.27 14.17 16.82
C VAL A 107 -18.44 15.24 17.90
N SER A 108 -18.54 14.82 19.16
CA SER A 108 -18.69 15.76 20.28
C SER A 108 -17.45 16.63 20.50
N ALA A 109 -17.69 17.89 20.88
CA ALA A 109 -16.63 18.81 21.24
C ALA A 109 -15.89 18.38 22.52
N GLY A 110 -14.64 18.78 22.63
CA GLY A 110 -13.85 18.47 23.82
C GLY A 110 -12.41 18.16 23.50
N THR A 111 -11.80 17.31 24.33
CA THR A 111 -10.40 16.94 24.16
C THR A 111 -10.19 15.44 23.95
N SER A 112 -11.19 14.79 23.37
CA SER A 112 -11.08 13.36 23.07
C SER A 112 -10.29 13.20 21.77
N SER A 113 -8.98 13.38 21.91
CA SER A 113 -8.05 13.47 20.77
C SER A 113 -6.72 12.87 21.20
N THR A 114 -5.92 12.40 20.25
CA THR A 114 -4.69 11.68 20.60
C THR A 114 -3.57 12.50 21.27
N CYS A 115 -3.63 13.83 21.17
CA CYS A 115 -2.71 14.68 21.93
C CYS A 115 -3.42 15.58 22.94
N GLY A 116 -4.74 15.40 23.07
CA GLY A 116 -5.51 16.18 24.02
C GLY A 116 -5.86 17.59 23.57
N SER A 117 -5.64 17.90 22.29
CA SER A 117 -6.03 19.20 21.74
C SER A 117 -7.55 19.38 21.77
N TYR A 118 -7.98 20.60 22.11
CA TYR A 118 -9.40 20.91 22.05
C TYR A 118 -9.84 21.06 20.61
N PHE A 119 -11.06 20.60 20.33
CA PHE A 119 -11.70 20.84 19.04
C PHE A 119 -13.22 20.85 19.21
N ASN A 120 -13.90 21.58 18.34
CA ASN A 120 -15.37 21.65 18.35
C ASN A 120 -15.93 21.53 16.94
N PRO A 121 -16.26 20.31 16.51
CA PRO A 121 -16.74 20.09 15.14
C PRO A 121 -17.99 20.89 14.82
N GLY A 122 -18.93 20.98 15.77
CA GLY A 122 -20.16 21.73 15.59
C GLY A 122 -19.93 23.18 15.24
N SER A 123 -18.96 23.82 15.89
CA SER A 123 -18.63 25.21 15.61
C SER A 123 -17.47 25.35 14.62
N ARG A 124 -17.01 24.23 14.08
CA ARG A 124 -15.91 24.16 13.11
C ARG A 124 -14.61 24.79 13.64
N ASP A 125 -14.38 24.58 14.94
CA ASP A 125 -13.30 25.18 15.69
C ASP A 125 -12.19 24.16 15.94
N PHE A 126 -11.06 24.31 15.26
CA PHE A 126 -9.89 23.47 15.48
C PHE A 126 -8.70 24.36 15.84
N PRO A 127 -8.68 24.87 17.08
CA PRO A 127 -7.73 25.92 17.45
C PRO A 127 -6.26 25.50 17.43
N ALA A 128 -5.98 24.20 17.42
CA ALA A 128 -4.60 23.72 17.38
C ALA A 128 -3.95 23.91 16.00
N VAL A 129 -4.76 24.14 14.97
CA VAL A 129 -4.23 24.35 13.62
C VAL A 129 -3.68 25.78 13.39
N PRO A 130 -4.50 26.85 13.46
CA PRO A 130 -5.94 26.82 13.72
C PRO A 130 -6.82 26.85 12.45
N TYR A 131 -7.98 26.20 12.55
CA TYR A 131 -9.05 26.34 11.55
C TYR A 131 -10.31 26.88 12.24
N SER A 132 -11.09 27.66 11.50
CA SER A 132 -12.39 28.13 11.96
C SER A 132 -13.46 27.83 10.92
N GLY A 133 -14.70 28.24 11.20
CA GLY A 133 -15.79 28.07 10.26
C GLY A 133 -15.49 28.58 8.86
N TRP A 134 -14.61 29.57 8.77
CA TRP A 134 -14.23 30.17 7.47
C TRP A 134 -13.43 29.23 6.59
N ASP A 135 -12.90 28.16 7.18
CA ASP A 135 -11.95 27.26 6.50
C ASP A 135 -12.58 25.97 5.98
N PHE A 136 -13.91 25.90 6.00
CA PHE A 136 -14.64 24.72 5.54
C PHE A 136 -15.59 25.05 4.38
N ASN A 137 -15.98 24.01 3.65
CA ASN A 137 -16.77 24.15 2.43
C ASN A 137 -18.29 24.22 2.63
N ASP A 138 -18.73 24.47 3.87
CA ASP A 138 -20.17 24.48 4.18
C ASP A 138 -21.01 25.40 3.30
N GLY A 139 -20.45 26.55 2.94
CA GLY A 139 -21.13 27.51 2.07
C GLY A 139 -21.01 27.21 0.59
N LYS A 140 -20.04 26.36 0.24
CA LYS A 140 -19.75 26.03 -1.16
C LYS A 140 -20.57 24.83 -1.65
N CYS A 141 -20.75 23.86 -0.77
CA CYS A 141 -21.54 22.65 -1.06
C CYS A 141 -22.98 23.00 -1.43
N LYS A 142 -23.52 22.31 -2.42
CA LYS A 142 -24.86 22.60 -2.95
C LYS A 142 -25.94 21.58 -2.57
N THR A 143 -25.57 20.52 -1.85
CA THR A 143 -26.53 19.50 -1.47
C THR A 143 -27.37 19.92 -0.26
N GLY A 144 -28.57 19.34 -0.16
CA GLY A 144 -29.48 19.62 0.94
C GLY A 144 -28.93 19.19 2.30
N SER A 145 -28.24 18.06 2.33
CA SER A 145 -27.68 17.50 3.56
C SER A 145 -26.34 18.12 3.94
N GLY A 146 -25.63 18.65 2.95
CA GLY A 146 -24.27 19.13 3.16
C GLY A 146 -23.24 18.03 2.99
N ASP A 147 -23.71 16.81 2.74
CA ASP A 147 -22.87 15.64 2.52
C ASP A 147 -22.88 15.25 1.04
N ILE A 148 -21.93 14.41 0.63
CA ILE A 148 -21.94 13.84 -0.72
C ILE A 148 -23.12 12.87 -0.79
N GLU A 149 -23.97 13.08 -1.80
CA GLU A 149 -25.18 12.28 -1.98
C GLU A 149 -25.14 11.51 -3.29
N ASN A 150 -24.42 12.06 -4.27
CA ASN A 150 -24.45 11.55 -5.65
C ASN A 150 -23.08 11.67 -6.32
N MET A 151 -22.42 10.53 -6.50
CA MET A 151 -21.09 10.50 -7.13
C MET A 151 -21.07 10.75 -8.64
N ASN A 152 -22.25 10.82 -9.27
CA ASN A 152 -22.37 11.21 -10.67
C ASN A 152 -22.15 12.71 -10.86
N ASP A 153 -22.20 13.46 -9.76
CA ASP A 153 -21.98 14.91 -9.75
C ASP A 153 -20.59 15.23 -9.19
N ALA A 154 -19.64 15.42 -10.10
CA ALA A 154 -18.24 15.66 -9.72
C ALA A 154 -18.02 16.86 -8.80
N THR A 155 -18.88 17.86 -8.89
CA THR A 155 -18.77 19.06 -8.05
C THR A 155 -19.00 18.75 -6.57
N GLN A 156 -20.09 18.06 -6.26
CA GLN A 156 -20.40 17.74 -4.88
C GLN A 156 -19.42 16.72 -4.30
N VAL A 157 -18.84 15.89 -5.15
CA VAL A 157 -17.86 14.90 -4.70
C VAL A 157 -16.65 15.61 -4.08
N ARG A 158 -16.36 16.81 -4.59
CA ARG A 158 -15.22 17.63 -4.14
C ARG A 158 -15.56 18.65 -3.04
N ASP A 159 -16.77 19.20 -3.09
CA ASP A 159 -17.13 20.34 -2.22
C ASP A 159 -17.97 19.97 -1.00
N CYS A 160 -18.49 18.74 -0.98
CA CYS A 160 -19.38 18.32 0.10
C CYS A 160 -18.70 17.31 1.04
N ARG A 161 -19.34 17.04 2.17
CA ARG A 161 -18.72 16.24 3.22
C ARG A 161 -18.77 14.73 2.92
N LEU A 162 -17.59 14.11 2.83
CA LEU A 162 -17.51 12.66 2.62
C LEU A 162 -17.99 11.95 3.89
N SER A 163 -19.19 11.36 3.82
CA SER A 163 -19.79 10.68 4.97
C SER A 163 -19.81 11.55 6.24
N GLY A 164 -20.04 12.85 6.06
CA GLY A 164 -20.12 13.78 7.18
C GLY A 164 -18.78 14.33 7.67
N LEU A 165 -17.68 13.97 7.01
CA LEU A 165 -16.37 14.51 7.38
C LEU A 165 -16.28 15.98 6.96
N LEU A 166 -16.00 16.86 7.92
CA LEU A 166 -15.90 18.31 7.68
C LEU A 166 -14.93 18.58 6.55
N ASP A 167 -15.41 19.21 5.49
CA ASP A 167 -14.66 19.31 4.25
C ASP A 167 -13.85 20.60 4.20
N LEU A 168 -12.51 20.48 4.20
CA LEU A 168 -11.66 21.67 4.21
C LEU A 168 -11.80 22.48 2.92
N ALA A 169 -11.77 23.81 3.06
CA ALA A 169 -11.89 24.69 1.91
C ALA A 169 -10.55 24.84 1.20
N LEU A 170 -10.17 23.82 0.42
CA LEU A 170 -8.86 23.76 -0.21
C LEU A 170 -8.68 24.76 -1.35
N GLY A 171 -9.74 25.50 -1.67
CA GLY A 171 -9.64 26.58 -2.63
C GLY A 171 -9.03 27.84 -2.04
N LYS A 172 -8.93 27.88 -0.70
CA LYS A 172 -8.42 29.04 0.03
C LYS A 172 -6.92 28.94 0.25
N ASP A 173 -6.19 30.01 -0.06
CA ASP A 173 -4.74 30.03 0.19
C ASP A 173 -4.37 29.72 1.63
N TYR A 174 -5.16 30.18 2.59
CA TYR A 174 -4.87 29.95 4.00
C TYR A 174 -4.83 28.45 4.33
N VAL A 175 -5.85 27.74 3.86
CA VAL A 175 -6.00 26.30 4.09
C VAL A 175 -4.88 25.55 3.38
N ARG A 176 -4.63 25.90 2.13
CA ARG A 176 -3.51 25.30 1.37
C ARG A 176 -2.21 25.47 2.11
N SER A 177 -2.03 26.64 2.73
CA SER A 177 -0.80 27.00 3.43
C SER A 177 -0.63 26.22 4.74
N LYS A 178 -1.72 26.01 5.47
CA LYS A 178 -1.65 25.22 6.69
C LYS A 178 -1.33 23.77 6.37
N ILE A 179 -1.92 23.24 5.29
CA ILE A 179 -1.62 21.87 4.84
C ILE A 179 -0.17 21.75 4.39
N ALA A 180 0.31 22.70 3.59
CA ALA A 180 1.70 22.70 3.16
C ALA A 180 2.67 22.84 4.33
N GLU A 181 2.28 23.62 5.34
CA GLU A 181 3.09 23.75 6.55
C GLU A 181 3.32 22.37 7.19
N TYR A 182 2.25 21.60 7.30
CA TYR A 182 2.28 20.25 7.85
C TYR A 182 3.15 19.34 6.98
N MET A 183 2.91 19.36 5.67
CA MET A 183 3.66 18.51 4.76
C MET A 183 5.16 18.88 4.69
N ASN A 184 5.47 20.17 4.83
CA ASN A 184 6.87 20.62 4.84
C ASN A 184 7.59 20.24 6.12
N HIS A 185 6.85 20.25 7.23
CA HIS A 185 7.34 19.74 8.51
C HIS A 185 7.84 18.30 8.28
N LEU A 186 6.99 17.48 7.66
CA LEU A 186 7.32 16.08 7.37
C LEU A 186 8.47 15.91 6.38
N ILE A 187 8.45 16.66 5.28
CA ILE A 187 9.53 16.62 4.32
C ILE A 187 10.87 16.93 4.98
N ASP A 188 10.91 17.97 5.80
CA ASP A 188 12.18 18.38 6.39
C ASP A 188 12.69 17.36 7.39
N ILE A 189 11.79 16.70 8.09
CA ILE A 189 12.15 15.59 8.98
C ILE A 189 12.86 14.48 8.18
N GLY A 190 12.45 14.33 6.91
CA GLY A 190 13.11 13.41 6.00
C GLY A 190 12.20 12.44 5.26
N VAL A 191 10.89 12.66 5.31
CA VAL A 191 9.99 11.79 4.56
C VAL A 191 10.21 11.92 3.04
N ALA A 192 9.98 10.83 2.33
CA ALA A 192 10.30 10.75 0.90
C ALA A 192 9.11 11.03 0.00
N GLY A 193 7.92 11.11 0.58
CA GLY A 193 6.72 11.27 -0.20
C GLY A 193 5.46 10.99 0.59
N PHE A 194 4.35 10.97 -0.13
CA PHE A 194 3.02 10.93 0.48
C PHE A 194 2.04 10.08 -0.30
N ARG A 195 1.24 9.33 0.46
CA ARG A 195 -0.01 8.77 -0.04
C ARG A 195 -1.05 9.84 0.23
N ILE A 196 -1.66 10.40 -0.80
CA ILE A 196 -2.66 11.44 -0.59
C ILE A 196 -4.04 10.81 -0.43
N ASP A 197 -4.52 10.81 0.82
CA ASP A 197 -5.80 10.23 1.17
C ASP A 197 -6.96 10.98 0.50
N ALA A 198 -7.98 10.23 0.08
CA ALA A 198 -9.24 10.79 -0.41
C ALA A 198 -9.03 11.77 -1.57
N SER A 199 -8.12 11.44 -2.47
CA SER A 199 -7.77 12.38 -3.55
C SER A 199 -8.95 12.70 -4.49
N LYS A 200 -9.86 11.74 -4.67
CA LYS A 200 -11.05 11.94 -5.52
C LYS A 200 -11.91 13.08 -5.01
N HIS A 201 -11.81 13.35 -3.70
CA HIS A 201 -12.66 14.34 -3.03
C HIS A 201 -12.04 15.73 -3.01
N MET A 202 -10.95 15.87 -3.75
CA MET A 202 -10.26 17.14 -3.91
C MET A 202 -10.10 17.47 -5.40
N TRP A 203 -10.17 18.74 -5.73
CA TRP A 203 -9.94 19.17 -7.11
C TRP A 203 -8.46 18.95 -7.44
N PRO A 204 -8.16 18.33 -8.58
CA PRO A 204 -6.75 18.19 -9.00
C PRO A 204 -5.95 19.50 -8.88
N GLY A 205 -6.58 20.63 -9.23
CA GLY A 205 -5.96 21.94 -9.14
C GLY A 205 -5.69 22.46 -7.74
N ASP A 206 -6.49 22.03 -6.77
CA ASP A 206 -6.24 22.38 -5.36
C ASP A 206 -5.05 21.59 -4.83
N ILE A 207 -5.00 20.29 -5.16
CA ILE A 207 -3.82 19.48 -4.85
C ILE A 207 -2.57 20.11 -5.44
N LYS A 208 -2.65 20.53 -6.71
CA LYS A 208 -1.54 21.21 -7.39
C LYS A 208 -1.05 22.44 -6.62
N ALA A 209 -1.99 23.25 -6.17
CA ALA A 209 -1.66 24.48 -5.43
C ALA A 209 -0.95 24.18 -4.12
N ILE A 210 -1.31 23.07 -3.46
CA ILE A 210 -0.63 22.66 -2.23
C ILE A 210 0.78 22.15 -2.53
N LEU A 211 0.90 21.28 -3.53
CA LEU A 211 2.21 20.74 -3.89
C LEU A 211 3.22 21.81 -4.34
N ASP A 212 2.73 22.90 -4.93
CA ASP A 212 3.55 24.05 -5.31
C ASP A 212 4.26 24.67 -4.10
N LYS A 213 3.66 24.54 -2.93
CA LYS A 213 4.22 25.12 -1.70
C LYS A 213 5.25 24.22 -1.03
N LEU A 214 5.42 23.00 -1.54
CA LEU A 214 6.25 22.01 -0.86
C LEU A 214 7.73 22.19 -1.17
N HIS A 215 8.53 21.93 -0.14
CA HIS A 215 9.98 21.89 -0.24
C HIS A 215 10.45 20.72 -1.10
N ASN A 216 11.68 20.84 -1.60
CA ASN A 216 12.42 19.69 -2.06
C ASN A 216 12.79 18.81 -0.86
N LEU A 217 13.13 17.55 -1.12
CA LEU A 217 13.43 16.60 -0.06
C LEU A 217 14.70 16.96 0.70
N ASN A 218 14.79 16.47 1.93
CA ASN A 218 15.91 16.77 2.81
C ASN A 218 17.26 16.49 2.15
N SER A 219 18.09 17.52 2.03
CA SER A 219 19.31 17.43 1.23
C SER A 219 20.49 16.68 1.88
N ASN A 220 20.32 16.17 3.11
CA ASN A 220 21.27 15.19 3.67
C ASN A 220 21.16 13.80 3.11
N TRP A 221 19.94 13.38 2.80
CA TRP A 221 19.70 12.01 2.33
C TRP A 221 19.38 11.93 0.85
N PHE A 222 18.90 13.04 0.29
CA PHE A 222 18.41 13.06 -1.09
C PHE A 222 19.18 14.05 -1.94
N PRO A 223 19.44 13.69 -3.19
CA PRO A 223 20.12 14.60 -4.13
C PRO A 223 19.38 15.92 -4.21
N GLU A 224 20.11 17.01 -4.41
CA GLU A 224 19.50 18.33 -4.52
C GLU A 224 18.46 18.35 -5.64
N GLY A 225 17.32 18.95 -5.34
CA GLY A 225 16.24 19.05 -6.31
C GLY A 225 15.31 17.85 -6.38
N SER A 226 15.41 16.95 -5.40
CA SER A 226 14.49 15.80 -5.31
C SER A 226 13.10 16.28 -4.91
N LYS A 227 12.08 15.69 -5.52
CA LYS A 227 10.70 16.03 -5.23
C LYS A 227 10.04 14.90 -4.46
N PRO A 228 9.12 15.22 -3.54
CA PRO A 228 8.37 14.16 -2.86
C PRO A 228 7.65 13.24 -3.85
N PHE A 229 7.78 11.94 -3.65
CA PHE A 229 6.96 10.94 -4.37
C PHE A 229 5.51 11.18 -3.97
N ILE A 230 4.63 11.35 -4.94
CA ILE A 230 3.22 11.52 -4.64
C ILE A 230 2.45 10.37 -5.25
N TYR A 231 1.71 9.64 -4.43
CA TYR A 231 0.71 8.72 -4.96
C TYR A 231 -0.65 8.98 -4.36
N GLN A 232 -1.63 9.18 -5.24
CA GLN A 232 -2.94 9.67 -4.85
C GLN A 232 -3.96 8.55 -4.76
N GLU A 233 -4.67 8.47 -3.65
CA GLU A 233 -5.77 7.51 -3.53
C GLU A 233 -7.00 7.98 -4.31
N VAL A 234 -7.18 7.39 -5.49
CA VAL A 234 -8.37 7.62 -6.30
C VAL A 234 -8.90 6.24 -6.67
N ILE A 235 -10.12 5.94 -6.24
CA ILE A 235 -10.78 4.69 -6.63
C ILE A 235 -11.57 4.93 -7.90
N ASP A 236 -11.02 4.46 -9.02
CA ASP A 236 -11.68 4.60 -10.30
C ASP A 236 -11.78 3.25 -10.98
N LEU A 237 -12.97 2.65 -10.92
CA LEU A 237 -13.25 1.39 -11.58
C LEU A 237 -14.00 1.59 -12.89
N GLY A 238 -14.04 2.83 -13.36
CA GLY A 238 -14.78 3.21 -14.55
C GLY A 238 -16.20 3.67 -14.24
N GLY A 239 -16.86 4.24 -15.24
CA GLY A 239 -18.26 4.61 -15.12
C GLY A 239 -18.62 5.76 -14.18
N GLU A 240 -17.63 6.58 -13.84
CA GLU A 240 -17.84 7.76 -13.01
C GLU A 240 -17.26 8.96 -13.74
N PRO A 241 -17.76 10.18 -13.46
CA PRO A 241 -17.22 11.38 -14.12
C PRO A 241 -15.75 11.64 -13.81
N ILE A 242 -15.30 11.29 -12.61
CA ILE A 242 -13.92 11.51 -12.20
C ILE A 242 -13.06 10.31 -12.59
N LYS A 243 -11.91 10.58 -13.21
CA LYS A 243 -11.03 9.54 -13.72
C LYS A 243 -9.66 9.63 -13.05
N SER A 244 -8.99 8.48 -12.88
CA SER A 244 -7.63 8.48 -12.34
C SER A 244 -6.70 9.42 -13.09
N SER A 245 -6.83 9.45 -14.41
CA SER A 245 -5.96 10.30 -15.23
C SER A 245 -6.08 11.78 -14.92
N ASP A 246 -7.19 12.20 -14.32
CA ASP A 246 -7.35 13.61 -13.95
C ASP A 246 -6.30 14.05 -12.93
N TYR A 247 -5.64 13.08 -12.31
CA TYR A 247 -4.70 13.36 -11.22
C TYR A 247 -3.24 13.17 -11.63
N PHE A 248 -2.98 12.83 -12.89
CA PHE A 248 -1.60 12.54 -13.34
C PHE A 248 -0.63 13.73 -13.23
N GLY A 249 -1.15 14.95 -13.23
CA GLY A 249 -0.33 16.13 -13.06
C GLY A 249 0.34 16.22 -11.70
N ASN A 250 -0.23 15.53 -10.71
CA ASN A 250 0.26 15.63 -9.34
C ASN A 250 1.19 14.50 -8.92
N GLY A 251 1.17 13.38 -9.65
CA GLY A 251 1.94 12.22 -9.27
C GLY A 251 1.32 10.93 -9.77
N ARG A 252 1.75 9.82 -9.18
CA ARG A 252 1.15 8.51 -9.42
C ARG A 252 -0.26 8.43 -8.81
N VAL A 253 -1.01 7.41 -9.22
CA VAL A 253 -2.37 7.20 -8.74
C VAL A 253 -2.53 5.71 -8.43
N THR A 254 -3.22 5.40 -7.33
CA THR A 254 -3.57 4.02 -7.01
C THR A 254 -4.41 3.42 -8.12
N GLU A 255 -4.02 2.25 -8.60
CA GLU A 255 -4.81 1.52 -9.59
C GLU A 255 -5.64 0.44 -8.89
N PHE A 256 -6.84 0.81 -8.46
CA PHE A 256 -7.74 -0.14 -7.78
C PHE A 256 -8.27 -1.23 -8.72
N LYS A 257 -8.20 -1.03 -10.03
CA LYS A 257 -8.59 -2.08 -10.96
C LYS A 257 -7.70 -3.32 -10.82
N TYR A 258 -6.45 -3.07 -10.41
CA TYR A 258 -5.41 -4.09 -10.40
C TYR A 258 -5.75 -5.28 -9.48
N GLY A 259 -5.94 -4.98 -8.19
CA GLY A 259 -6.24 -6.00 -7.21
C GLY A 259 -7.61 -6.62 -7.43
N ALA A 260 -8.58 -5.81 -7.85
CA ALA A 260 -9.93 -6.33 -8.14
C ALA A 260 -9.86 -7.43 -9.21
N LYS A 261 -9.18 -7.12 -10.32
CA LYS A 261 -9.04 -8.08 -11.41
C LYS A 261 -8.15 -9.27 -11.06
N LEU A 262 -7.01 -9.01 -10.43
CA LEU A 262 -6.13 -10.11 -10.08
C LEU A 262 -6.77 -11.09 -9.11
N GLY A 263 -7.53 -10.58 -8.14
CA GLY A 263 -8.28 -11.42 -7.22
C GLY A 263 -9.26 -12.33 -7.94
N THR A 264 -9.98 -11.77 -8.90
CA THR A 264 -10.93 -12.54 -9.71
C THR A 264 -10.22 -13.64 -10.48
N VAL A 265 -9.08 -13.28 -11.10
CA VAL A 265 -8.30 -14.25 -11.85
C VAL A 265 -7.83 -15.42 -10.97
N ILE A 266 -7.20 -15.09 -9.83
CA ILE A 266 -6.60 -16.12 -8.98
C ILE A 266 -7.66 -17.00 -8.28
N ARG A 267 -8.84 -16.42 -8.02
CA ARG A 267 -9.97 -17.18 -7.48
C ARG A 267 -10.64 -18.02 -8.55
N LYS A 268 -10.27 -17.78 -9.81
CA LYS A 268 -10.90 -18.42 -10.98
C LYS A 268 -12.40 -18.16 -11.01
N TRP A 269 -12.76 -16.91 -10.70
CA TRP A 269 -14.15 -16.45 -10.77
C TRP A 269 -14.39 -15.79 -12.11
N ASN A 270 -15.67 -15.71 -12.48
CA ASN A 270 -16.09 -14.92 -13.65
C ASN A 270 -15.47 -15.40 -14.96
N GLY A 271 -15.12 -16.68 -15.00
CA GLY A 271 -14.54 -17.30 -16.18
C GLY A 271 -13.11 -16.88 -16.45
N GLU A 272 -12.49 -16.21 -15.47
CA GLU A 272 -11.12 -15.71 -15.62
C GLU A 272 -10.11 -16.77 -15.24
N LYS A 273 -8.93 -16.69 -15.86
CA LYS A 273 -7.87 -17.67 -15.65
C LYS A 273 -6.51 -17.05 -15.89
N MET A 274 -5.47 -17.67 -15.34
CA MET A 274 -4.13 -17.10 -15.41
C MET A 274 -3.61 -16.96 -16.83
N SER A 275 -4.05 -17.80 -17.76
CA SER A 275 -3.60 -17.66 -19.15
C SER A 275 -3.95 -16.29 -19.76
N TYR A 276 -5.01 -15.66 -19.24
CA TYR A 276 -5.42 -14.33 -19.70
C TYR A 276 -4.44 -13.23 -19.28
N LEU A 277 -3.56 -13.54 -18.33
CA LEU A 277 -2.62 -12.54 -17.80
C LEU A 277 -1.45 -12.20 -18.74
N LYS A 278 -1.40 -12.88 -19.88
CA LYS A 278 -0.34 -12.63 -20.86
C LYS A 278 -0.22 -11.15 -21.20
N ASN A 279 -1.35 -10.46 -21.33
CA ASN A 279 -1.35 -9.04 -21.65
C ASN A 279 -1.68 -8.12 -20.47
N TRP A 280 -1.42 -8.62 -19.25
CA TRP A 280 -1.60 -7.85 -18.02
C TRP A 280 -0.99 -6.45 -18.12
N GLY A 281 -1.73 -5.46 -17.61
CA GLY A 281 -1.29 -4.08 -17.66
C GLY A 281 -2.31 -3.23 -18.41
N GLU A 282 -1.83 -2.35 -19.28
CA GLU A 282 -2.71 -1.51 -20.09
C GLU A 282 -3.66 -2.33 -20.97
N GLY A 283 -3.25 -3.56 -21.30
CA GLY A 283 -4.08 -4.48 -22.06
C GLY A 283 -5.38 -4.88 -21.37
N TRP A 284 -5.40 -4.75 -20.04
CA TRP A 284 -6.60 -5.02 -19.25
C TRP A 284 -7.40 -3.76 -18.93
N GLY A 285 -7.02 -2.64 -19.56
CA GLY A 285 -7.72 -1.37 -19.40
C GLY A 285 -7.17 -0.51 -18.27
N PHE A 286 -6.03 -0.91 -17.72
CA PHE A 286 -5.42 -0.19 -16.61
C PHE A 286 -4.73 1.10 -17.09
N MET A 287 -4.41 1.97 -16.16
CA MET A 287 -3.68 3.22 -16.45
C MET A 287 -2.23 2.93 -16.89
N PRO A 288 -1.52 3.94 -17.39
CA PRO A 288 -0.12 3.75 -17.76
C PRO A 288 0.71 3.18 -16.60
N SER A 289 1.55 2.19 -16.90
CA SER A 289 2.45 1.57 -15.92
C SER A 289 3.25 2.59 -15.11
N ASP A 290 3.69 3.66 -15.77
CA ASP A 290 4.52 4.69 -15.12
C ASP A 290 3.75 5.62 -14.19
N ARG A 291 2.43 5.42 -14.11
CA ARG A 291 1.61 6.19 -13.16
C ARG A 291 0.94 5.32 -12.11
N ALA A 292 0.90 4.01 -12.30
CA ALA A 292 0.16 3.11 -11.41
C ALA A 292 0.92 2.80 -10.12
N LEU A 293 0.21 2.96 -9.00
CA LEU A 293 0.62 2.41 -7.70
C LEU A 293 -0.26 1.19 -7.53
N VAL A 294 0.36 0.01 -7.51
CA VAL A 294 -0.38 -1.25 -7.54
C VAL A 294 -0.22 -2.04 -6.24
N PHE A 295 -1.19 -2.92 -6.00
CA PHE A 295 -1.30 -3.64 -4.74
C PHE A 295 -2.39 -4.68 -4.89
N VAL A 296 -2.29 -5.77 -4.14
CA VAL A 296 -3.33 -6.81 -4.16
C VAL A 296 -4.52 -6.37 -3.30
N ASP A 297 -4.22 -5.96 -2.07
CA ASP A 297 -5.20 -5.39 -1.16
C ASP A 297 -4.64 -4.14 -0.52
N ASN A 298 -5.53 -3.31 0.02
CA ASN A 298 -5.12 -2.19 0.87
C ASN A 298 -5.85 -2.25 2.20
N HIS A 299 -5.59 -1.26 3.06
CA HIS A 299 -6.13 -1.31 4.40
C HIS A 299 -7.66 -1.20 4.44
N ASP A 300 -8.26 -0.57 3.41
CA ASP A 300 -9.71 -0.45 3.33
C ASP A 300 -10.31 -1.76 2.82
N ASN A 301 -9.87 -2.19 1.64
CA ASN A 301 -10.58 -3.28 0.97
C ASN A 301 -10.30 -4.66 1.51
N GLN A 302 -9.26 -4.80 2.34
CA GLN A 302 -9.01 -6.10 2.98
C GLN A 302 -10.06 -6.40 4.04
N ARG A 303 -10.86 -5.39 4.39
CA ARG A 303 -11.92 -5.50 5.39
C ARG A 303 -13.25 -4.98 4.85
N GLY A 304 -13.35 -4.91 3.52
CA GLY A 304 -14.60 -4.55 2.86
C GLY A 304 -14.96 -3.07 2.87
N HIS A 305 -14.01 -2.22 3.28
CA HIS A 305 -14.19 -0.78 3.19
C HIS A 305 -13.70 -0.29 1.82
N GLY A 306 -13.81 1.01 1.58
CA GLY A 306 -13.50 1.59 0.29
C GLY A 306 -14.52 1.11 -0.73
N ALA A 307 -14.04 0.64 -1.86
CA ALA A 307 -14.90 0.04 -2.88
C ALA A 307 -15.15 -1.42 -2.55
N GLY A 308 -14.47 -1.92 -1.51
CA GLY A 308 -14.59 -3.30 -1.08
C GLY A 308 -14.35 -4.25 -2.23
N GLY A 309 -15.23 -5.24 -2.37
CA GLY A 309 -15.16 -6.21 -3.43
C GLY A 309 -14.89 -7.61 -2.90
N ALA A 310 -15.76 -8.55 -3.24
CA ALA A 310 -15.63 -9.93 -2.81
C ALA A 310 -14.37 -10.62 -3.36
N SER A 311 -13.85 -10.10 -4.48
CA SER A 311 -12.75 -10.75 -5.16
C SER A 311 -11.40 -10.47 -4.51
N ILE A 312 -11.32 -9.41 -3.71
CA ILE A 312 -10.05 -9.03 -3.07
C ILE A 312 -9.45 -10.16 -2.26
N LEU A 313 -8.17 -10.44 -2.52
CA LEU A 313 -7.43 -11.42 -1.75
C LEU A 313 -6.65 -10.76 -0.62
N THR A 314 -6.62 -11.44 0.53
CA THR A 314 -5.95 -10.96 1.74
C THR A 314 -5.25 -12.10 2.44
N PHE A 315 -4.53 -11.77 3.53
CA PHE A 315 -3.86 -12.77 4.36
C PHE A 315 -4.80 -13.87 4.86
N TRP A 316 -6.11 -13.56 4.94
CA TRP A 316 -7.11 -14.56 5.36
C TRP A 316 -7.18 -15.73 4.37
N ASP A 317 -6.90 -15.42 3.11
CA ASP A 317 -6.83 -16.42 2.04
C ASP A 317 -5.37 -16.62 1.63
N ALA A 318 -4.57 -17.07 2.59
CA ALA A 318 -3.12 -16.99 2.52
C ALA A 318 -2.50 -17.64 1.29
N ARG A 319 -2.96 -18.85 0.96
CA ARG A 319 -2.42 -19.59 -0.19
C ARG A 319 -2.59 -18.81 -1.51
N LEU A 320 -3.82 -18.41 -1.81
CA LEU A 320 -4.08 -17.64 -3.02
C LEU A 320 -3.45 -16.25 -2.96
N TYR A 321 -3.42 -15.68 -1.75
CA TYR A 321 -2.82 -14.36 -1.56
C TYR A 321 -1.33 -14.32 -1.95
N LYS A 322 -0.58 -15.32 -1.49
CA LYS A 322 0.83 -15.39 -1.83
C LYS A 322 1.04 -15.51 -3.33
N MET A 323 0.16 -16.24 -4.01
CA MET A 323 0.24 -16.35 -5.46
C MET A 323 0.00 -15.02 -6.17
N ALA A 324 -1.03 -14.30 -5.73
CA ALA A 324 -1.36 -12.99 -6.29
C ALA A 324 -0.24 -11.99 -6.05
N VAL A 325 0.29 -11.96 -4.82
CA VAL A 325 1.40 -11.05 -4.49
C VAL A 325 2.64 -11.41 -5.30
N GLY A 326 2.87 -12.72 -5.46
CA GLY A 326 3.99 -13.20 -6.25
C GLY A 326 3.91 -12.79 -7.71
N PHE A 327 2.74 -12.96 -8.31
CA PHE A 327 2.53 -12.52 -9.67
C PHE A 327 2.80 -11.01 -9.81
N MET A 328 2.22 -10.23 -8.89
CA MET A 328 2.37 -8.78 -8.93
C MET A 328 3.85 -8.37 -8.85
N LEU A 329 4.58 -8.96 -7.90
CA LEU A 329 5.98 -8.59 -7.73
C LEU A 329 6.88 -9.05 -8.88
N ALA A 330 6.48 -10.10 -9.61
CA ALA A 330 7.25 -10.57 -10.77
C ALA A 330 6.99 -9.75 -12.03
N HIS A 331 5.78 -9.22 -12.14
CA HIS A 331 5.35 -8.54 -13.36
C HIS A 331 5.81 -7.09 -13.40
N PRO A 332 6.33 -6.61 -14.54
CA PRO A 332 6.87 -5.25 -14.59
C PRO A 332 5.86 -4.10 -14.40
N TYR A 333 4.55 -4.35 -14.54
CA TYR A 333 3.56 -3.25 -14.46
C TYR A 333 3.51 -2.56 -13.09
N GLY A 334 3.60 -1.24 -13.10
CA GLY A 334 3.33 -0.44 -11.92
C GLY A 334 4.45 -0.39 -10.89
N PHE A 335 4.24 0.46 -9.88
CA PHE A 335 5.09 0.49 -8.70
C PHE A 335 4.37 -0.23 -7.55
N THR A 336 5.05 -1.21 -6.94
CA THR A 336 4.39 -2.17 -6.05
C THR A 336 4.37 -1.80 -4.57
N ARG A 337 3.19 -1.94 -3.96
CA ARG A 337 3.03 -1.81 -2.52
C ARG A 337 2.52 -3.13 -1.93
N VAL A 338 3.25 -3.62 -0.94
CA VAL A 338 2.94 -4.84 -0.20
C VAL A 338 2.23 -4.43 1.09
N MET A 339 1.12 -5.10 1.40
CA MET A 339 0.33 -4.84 2.61
C MET A 339 0.94 -5.60 3.80
N SER A 340 0.91 -4.98 4.98
CA SER A 340 1.28 -5.68 6.21
C SER A 340 0.22 -5.36 7.25
N SER A 341 -0.40 -6.42 7.80
CA SER A 341 -1.69 -6.29 8.49
C SER A 341 -1.64 -6.74 9.94
N TYR A 342 -2.74 -6.51 10.65
CA TYR A 342 -2.98 -7.19 11.92
C TYR A 342 -4.21 -8.08 11.82
N ARG A 343 -4.27 -9.10 12.67
CA ARG A 343 -5.45 -9.95 12.79
C ARG A 343 -6.49 -9.24 13.67
N TRP A 344 -7.75 -9.42 13.31
CA TRP A 344 -8.87 -8.96 14.14
C TRP A 344 -9.93 -10.06 14.12
N PRO A 345 -10.84 -10.07 15.11
CA PRO A 345 -11.86 -11.11 15.16
C PRO A 345 -13.01 -10.90 14.17
N ARG A 346 -12.73 -11.23 12.91
CA ARG A 346 -13.70 -11.19 11.82
C ARG A 346 -14.94 -12.02 12.16
N TYR A 347 -16.11 -11.41 11.98
CA TYR A 347 -17.40 -12.06 12.28
C TYR A 347 -18.43 -11.61 11.27
N PHE A 348 -18.90 -12.54 10.43
CA PHE A 348 -19.83 -12.20 9.36
C PHE A 348 -21.30 -12.40 9.74
N GLU A 349 -22.07 -11.34 9.59
CA GLU A 349 -23.51 -11.36 9.84
C GLU A 349 -24.21 -10.71 8.66
N ASN A 350 -25.08 -11.48 8.00
CA ASN A 350 -25.72 -11.07 6.76
C ASN A 350 -24.76 -10.47 5.73
N GLY A 351 -23.70 -11.22 5.44
CA GLY A 351 -22.77 -10.86 4.37
C GLY A 351 -21.61 -9.97 4.74
N LYS A 352 -21.71 -9.23 5.85
CA LYS A 352 -20.66 -8.28 6.24
C LYS A 352 -19.97 -8.56 7.57
N ASP A 353 -18.70 -8.15 7.65
CA ASP A 353 -17.90 -8.31 8.86
C ASP A 353 -18.27 -7.21 9.85
N VAL A 354 -18.95 -7.59 10.93
CA VAL A 354 -19.41 -6.60 11.90
C VAL A 354 -18.27 -6.08 12.77
N ASN A 355 -17.09 -6.70 12.64
CA ASN A 355 -15.91 -6.23 13.34
C ASN A 355 -14.89 -5.61 12.41
N ASP A 356 -15.35 -5.14 11.26
CA ASP A 356 -14.45 -4.49 10.28
C ASP A 356 -13.89 -3.15 10.75
N TRP A 357 -14.35 -2.71 11.93
CA TRP A 357 -13.93 -1.46 12.57
C TRP A 357 -12.73 -1.66 13.50
N VAL A 358 -12.50 -2.90 13.92
CA VAL A 358 -11.56 -3.14 15.02
C VAL A 358 -10.20 -2.57 14.68
N GLY A 359 -9.64 -1.80 15.62
CA GLY A 359 -8.30 -1.24 15.45
C GLY A 359 -7.18 -2.25 15.74
N PRO A 360 -5.94 -1.76 15.79
CA PRO A 360 -4.79 -2.65 15.97
C PRO A 360 -4.83 -3.35 17.32
N PRO A 361 -4.05 -4.43 17.45
CA PRO A 361 -3.96 -5.14 18.72
C PRO A 361 -3.59 -4.13 19.80
N ASN A 362 -4.30 -4.18 20.93
CA ASN A 362 -4.14 -3.14 21.92
C ASN A 362 -4.40 -3.64 23.33
N ASP A 363 -3.79 -2.96 24.30
CA ASP A 363 -4.10 -3.16 25.70
C ASP A 363 -4.88 -1.94 26.17
N ASN A 364 -6.20 -2.10 26.27
CA ASN A 364 -7.11 -1.00 26.62
C ASN A 364 -6.83 0.28 25.84
N GLY A 365 -6.61 0.13 24.54
CA GLY A 365 -6.42 1.27 23.67
C GLY A 365 -4.98 1.58 23.31
N VAL A 366 -4.03 1.02 24.06
CA VAL A 366 -2.61 1.26 23.81
C VAL A 366 -2.12 0.22 22.81
N THR A 367 -1.67 0.68 21.64
CA THR A 367 -1.22 -0.22 20.59
C THR A 367 -0.09 -1.12 21.08
N LYS A 368 -0.24 -2.42 20.81
CA LYS A 368 0.76 -3.42 21.22
C LYS A 368 1.99 -3.32 20.37
N GLU A 369 3.16 -3.51 20.99
CA GLU A 369 4.39 -3.61 20.23
C GLU A 369 4.36 -4.81 19.26
N VAL A 370 5.12 -4.69 18.18
CA VAL A 370 5.36 -5.83 17.31
C VAL A 370 6.44 -6.71 17.92
N THR A 371 6.07 -7.91 18.36
CA THR A 371 7.06 -8.86 18.85
C THR A 371 7.50 -9.75 17.70
N ILE A 372 8.77 -10.15 17.74
CA ILE A 372 9.30 -11.00 16.70
C ILE A 372 9.54 -12.39 17.29
N ASN A 373 8.83 -13.36 16.75
CA ASN A 373 8.98 -14.76 17.15
C ASN A 373 10.31 -15.32 16.65
N PRO A 374 10.85 -16.35 17.31
CA PRO A 374 12.10 -16.96 16.87
C PRO A 374 12.12 -17.44 15.42
N ASP A 375 10.97 -17.78 14.84
CA ASP A 375 10.94 -18.20 13.43
C ASP A 375 10.82 -17.02 12.45
N THR A 376 10.96 -15.80 12.99
CA THR A 376 10.92 -14.52 12.24
C THR A 376 9.53 -14.02 11.85
N THR A 377 8.50 -14.75 12.27
CA THR A 377 7.13 -14.23 12.13
C THR A 377 6.90 -13.25 13.28
N CYS A 378 5.71 -12.67 13.33
CA CYS A 378 5.40 -11.72 14.39
C CYS A 378 4.37 -12.24 15.38
N GLY A 379 4.49 -11.75 16.62
CA GLY A 379 3.52 -12.05 17.65
C GLY A 379 2.55 -10.90 17.86
N ASN A 380 1.77 -11.00 18.94
CA ASN A 380 0.82 -9.95 19.33
C ASN A 380 -0.24 -9.66 18.27
N ASP A 381 -0.55 -10.67 17.45
CA ASP A 381 -1.59 -10.59 16.41
C ASP A 381 -1.24 -9.72 15.20
N TRP A 382 0.03 -9.32 15.07
CA TRP A 382 0.50 -8.70 13.85
C TRP A 382 0.77 -9.81 12.84
N VAL A 383 0.27 -9.65 11.61
CA VAL A 383 0.37 -10.71 10.60
C VAL A 383 1.74 -10.73 9.92
N CYS A 384 2.29 -9.55 9.69
CA CYS A 384 3.61 -9.39 9.08
C CYS A 384 3.74 -10.15 7.77
N GLU A 385 2.82 -9.93 6.83
CA GLU A 385 2.90 -10.58 5.51
C GLU A 385 4.25 -10.33 4.85
N HIS A 386 4.83 -9.16 5.13
CA HIS A 386 6.08 -8.79 4.50
C HIS A 386 7.26 -9.65 4.96
N ARG A 387 7.05 -10.39 6.06
CA ARG A 387 8.02 -11.33 6.62
C ARG A 387 7.76 -12.78 6.18
N TRP A 388 6.63 -13.02 5.52
CA TRP A 388 6.38 -14.35 4.96
C TRP A 388 7.46 -14.62 3.91
N ARG A 389 8.13 -15.77 4.00
CA ARG A 389 9.21 -16.09 3.07
C ARG A 389 8.83 -15.88 1.60
N GLN A 390 7.65 -16.36 1.23
CA GLN A 390 7.20 -16.30 -0.17
C GLN A 390 7.03 -14.88 -0.68
N ILE A 391 6.65 -13.96 0.22
CA ILE A 391 6.49 -12.55 -0.14
C ILE A 391 7.83 -11.79 -0.04
N ARG A 392 8.51 -11.92 1.10
CA ARG A 392 9.82 -11.31 1.25
C ARG A 392 10.78 -11.69 0.10
N ASN A 393 10.80 -12.97 -0.28
CA ASN A 393 11.68 -13.36 -1.37
C ASN A 393 11.27 -12.82 -2.74
N MET A 394 9.97 -12.64 -2.95
CA MET A 394 9.49 -12.02 -4.19
C MET A 394 9.79 -10.51 -4.23
N VAL A 395 9.84 -9.86 -3.07
CA VAL A 395 10.29 -8.46 -2.99
C VAL A 395 11.72 -8.38 -3.53
N ASN A 396 12.57 -9.34 -3.16
CA ASN A 396 13.92 -9.33 -3.72
C ASN A 396 13.96 -9.74 -5.19
N PHE A 397 13.08 -10.66 -5.61
CA PHE A 397 12.97 -11.02 -7.02
C PHE A 397 12.77 -9.76 -7.85
N ARG A 398 11.86 -8.90 -7.41
CA ARG A 398 11.55 -7.67 -8.16
C ARG A 398 12.78 -6.77 -8.25
N ASN A 399 13.55 -6.67 -7.16
CA ASN A 399 14.80 -5.92 -7.15
C ASN A 399 15.80 -6.47 -8.18
N VAL A 400 16.00 -7.78 -8.15
CA VAL A 400 16.99 -8.45 -8.99
C VAL A 400 16.67 -8.29 -10.49
N VAL A 401 15.39 -8.27 -10.84
CA VAL A 401 14.98 -8.23 -12.24
C VAL A 401 14.62 -6.82 -12.71
N ASP A 402 14.80 -5.83 -11.85
CA ASP A 402 14.44 -4.43 -12.11
C ASP A 402 14.91 -4.00 -13.51
N GLY A 403 13.96 -3.52 -14.31
CA GLY A 403 14.27 -3.01 -15.64
C GLY A 403 14.26 -4.03 -16.78
N GLN A 404 14.19 -5.32 -16.45
CA GLN A 404 14.26 -6.39 -17.45
C GLN A 404 12.90 -6.60 -18.10
N PRO A 405 12.89 -6.89 -19.40
CA PRO A 405 11.62 -7.04 -20.13
C PRO A 405 10.86 -8.33 -19.81
N PHE A 406 9.54 -8.20 -19.80
CA PHE A 406 8.60 -9.32 -19.76
C PHE A 406 8.84 -10.17 -21.01
N THR A 407 9.19 -11.45 -20.80
CA THR A 407 9.57 -12.31 -21.94
C THR A 407 9.35 -13.80 -21.61
N ASN A 408 9.53 -14.66 -22.62
CA ASN A 408 9.43 -16.13 -22.43
C ASN A 408 8.12 -16.59 -21.75
N TRP A 409 7.03 -15.96 -22.16
CA TRP A 409 5.71 -16.32 -21.65
C TRP A 409 5.30 -17.72 -22.14
N TYR A 410 4.76 -18.51 -21.21
CA TYR A 410 4.12 -19.78 -21.51
C TYR A 410 2.74 -19.84 -20.85
N ASP A 411 1.75 -20.39 -21.55
CA ASP A 411 0.51 -20.83 -20.93
C ASP A 411 -0.05 -22.10 -21.57
N ASN A 412 -0.84 -22.82 -20.78
CA ASN A 412 -1.51 -24.04 -21.24
C ASN A 412 -2.97 -23.80 -21.66
N GLY A 413 -3.33 -22.53 -21.87
CA GLY A 413 -4.69 -22.15 -22.21
C GLY A 413 -5.68 -22.19 -21.05
N SER A 414 -5.17 -22.43 -19.84
CA SER A 414 -6.00 -22.52 -18.65
C SER A 414 -5.35 -21.72 -17.51
N ASN A 415 -4.80 -22.40 -16.50
CA ASN A 415 -4.19 -21.73 -15.35
C ASN A 415 -2.75 -22.14 -15.02
N GLN A 416 -2.05 -22.71 -16.00
CA GLN A 416 -0.62 -23.02 -15.86
C GLN A 416 0.15 -22.05 -16.75
N VAL A 417 0.89 -21.15 -16.11
CA VAL A 417 1.58 -20.09 -16.83
C VAL A 417 3.00 -19.92 -16.29
N ALA A 418 3.85 -19.31 -17.10
CA ALA A 418 5.20 -18.98 -16.69
C ALA A 418 5.68 -17.77 -17.48
N PHE A 419 6.61 -17.02 -16.91
CA PHE A 419 7.29 -15.99 -17.67
C PHE A 419 8.62 -15.59 -17.04
N GLY A 420 9.45 -14.97 -17.86
CA GLY A 420 10.75 -14.49 -17.44
C GLY A 420 10.84 -12.97 -17.43
N ARG A 421 11.89 -12.50 -16.77
CA ARG A 421 12.23 -11.08 -16.78
C ARG A 421 13.65 -11.00 -17.31
N GLY A 422 13.76 -10.73 -18.62
CA GLY A 422 15.04 -10.75 -19.32
C GLY A 422 15.79 -12.04 -19.03
N ASN A 423 17.07 -11.90 -18.70
CA ASN A 423 17.88 -13.05 -18.32
C ASN A 423 18.16 -13.12 -16.82
N ARG A 424 17.28 -12.49 -16.03
CA ARG A 424 17.56 -12.32 -14.61
C ARG A 424 16.61 -13.08 -13.69
N GLY A 425 15.42 -13.43 -14.17
CA GLY A 425 14.46 -14.16 -13.35
C GLY A 425 13.41 -14.90 -14.14
N PHE A 426 12.84 -15.93 -13.51
CA PHE A 426 11.80 -16.74 -14.14
C PHE A 426 10.84 -17.23 -13.07
N ILE A 427 9.56 -17.25 -13.40
CA ILE A 427 8.51 -17.63 -12.46
C ILE A 427 7.46 -18.53 -13.12
N VAL A 428 6.94 -19.50 -12.36
CA VAL A 428 6.04 -20.55 -12.88
C VAL A 428 4.88 -20.73 -11.90
N PHE A 429 3.65 -20.72 -12.42
CA PHE A 429 2.44 -20.83 -11.60
C PHE A 429 1.59 -22.01 -12.04
N ASN A 430 1.06 -22.75 -11.07
CA ASN A 430 0.02 -23.75 -11.36
C ASN A 430 -1.24 -23.49 -10.56
N ASN A 431 -2.26 -22.91 -11.19
CA ASN A 431 -3.55 -22.76 -10.56
C ASN A 431 -4.66 -23.59 -11.20
N ASP A 432 -4.27 -24.69 -11.84
CA ASP A 432 -5.23 -25.67 -12.36
C ASP A 432 -5.41 -26.84 -11.40
N ASP A 433 -6.45 -27.63 -11.64
CA ASP A 433 -6.76 -28.79 -10.80
C ASP A 433 -6.06 -30.07 -11.25
N TRP A 434 -4.85 -29.92 -11.80
CA TRP A 434 -3.97 -31.05 -12.12
C TRP A 434 -2.53 -30.58 -12.09
N THR A 435 -1.60 -31.53 -12.04
CA THR A 435 -0.17 -31.26 -11.95
C THR A 435 0.38 -30.57 -13.19
N PHE A 436 1.28 -29.61 -12.95
CA PHE A 436 2.04 -28.89 -13.97
C PHE A 436 3.42 -29.53 -13.99
N SER A 437 3.72 -30.27 -15.07
CA SER A 437 5.02 -30.90 -15.22
C SER A 437 5.52 -30.67 -16.64
N LEU A 438 6.53 -29.81 -16.77
CA LEU A 438 6.97 -29.37 -18.10
C LEU A 438 8.37 -28.77 -18.09
N THR A 439 9.08 -29.04 -19.18
CA THR A 439 10.36 -28.41 -19.45
C THR A 439 10.11 -27.09 -20.19
N LEU A 440 10.61 -26.00 -19.62
CA LEU A 440 10.35 -24.66 -20.15
C LEU A 440 11.63 -23.89 -20.43
N GLN A 441 11.59 -23.04 -21.45
CA GLN A 441 12.66 -22.07 -21.67
C GLN A 441 12.59 -20.96 -20.61
N THR A 442 13.66 -20.80 -19.84
CA THR A 442 13.71 -19.82 -18.75
C THR A 442 14.36 -18.50 -19.10
N GLY A 443 15.19 -18.49 -20.14
CA GLY A 443 15.97 -17.32 -20.50
C GLY A 443 17.19 -17.10 -19.61
N LEU A 444 17.39 -17.99 -18.64
CA LEU A 444 18.45 -17.83 -17.65
C LEU A 444 19.75 -18.57 -18.02
N PRO A 445 20.88 -18.05 -17.52
CA PRO A 445 22.16 -18.75 -17.66
C PRO A 445 22.13 -20.14 -17.02
N ALA A 446 22.85 -21.09 -17.62
CA ALA A 446 22.88 -22.45 -17.08
C ALA A 446 23.35 -22.48 -15.63
N GLY A 447 22.71 -23.34 -14.83
CA GLY A 447 23.13 -23.53 -13.45
C GLY A 447 22.08 -24.10 -12.54
N THR A 448 22.41 -24.16 -11.26
CA THR A 448 21.51 -24.64 -10.22
C THR A 448 20.97 -23.44 -9.47
N TYR A 449 19.64 -23.33 -9.41
CA TYR A 449 18.97 -22.20 -8.75
C TYR A 449 18.07 -22.66 -7.61
N CYS A 450 18.13 -21.92 -6.50
CA CYS A 450 17.19 -22.12 -5.42
C CYS A 450 15.84 -21.54 -5.79
N ASP A 451 14.79 -22.33 -5.63
CA ASP A 451 13.43 -21.82 -5.66
C ASP A 451 13.24 -20.97 -4.40
N VAL A 452 12.96 -19.68 -4.58
CA VAL A 452 12.84 -18.76 -3.45
C VAL A 452 11.43 -18.74 -2.84
N ILE A 453 10.52 -19.54 -3.39
CA ILE A 453 9.20 -19.67 -2.80
C ILE A 453 9.22 -20.75 -1.73
N SER A 454 9.78 -21.92 -2.06
CA SER A 454 9.85 -23.02 -1.08
C SER A 454 11.00 -22.90 -0.08
N GLY A 455 12.00 -22.08 -0.39
CA GLY A 455 13.18 -22.00 0.45
C GLY A 455 14.02 -20.76 0.23
N ASP A 456 15.26 -20.83 0.72
CA ASP A 456 16.24 -19.75 0.63
C ASP A 456 17.56 -20.29 0.13
N LYS A 457 18.36 -19.41 -0.48
CA LYS A 457 19.78 -19.68 -0.70
C LYS A 457 20.54 -19.29 0.57
N ILE A 458 21.30 -20.24 1.11
CA ILE A 458 22.15 -19.98 2.27
C ILE A 458 23.54 -20.43 1.88
N ASN A 459 24.44 -19.46 1.67
CA ASN A 459 25.76 -19.66 1.05
C ASN A 459 26.16 -21.09 0.70
N GLY A 460 25.92 -21.48 -0.56
CA GLY A 460 26.34 -22.77 -1.06
C GLY A 460 25.24 -23.77 -1.35
N ASN A 461 24.10 -23.63 -0.68
CA ASN A 461 22.98 -24.52 -0.95
C ASN A 461 21.61 -23.89 -0.80
N CYS A 462 20.58 -24.71 -0.98
CA CYS A 462 19.20 -24.30 -0.97
C CYS A 462 18.47 -25.05 0.11
N THR A 463 17.51 -24.39 0.77
CA THR A 463 16.72 -25.09 1.80
C THR A 463 15.39 -25.60 1.25
N GLY A 464 15.04 -25.21 0.03
CA GLY A 464 13.84 -25.73 -0.63
C GLY A 464 14.16 -26.48 -1.90
N ILE A 465 13.29 -26.32 -2.89
CA ILE A 465 13.45 -26.92 -4.21
C ILE A 465 14.65 -26.33 -4.95
N LYS A 466 15.32 -27.17 -5.74
CA LYS A 466 16.35 -26.70 -6.65
C LYS A 466 15.87 -26.90 -8.08
N ILE A 467 16.13 -25.89 -8.91
CA ILE A 467 15.82 -25.97 -10.33
C ILE A 467 17.12 -25.98 -11.13
N TYR A 468 17.19 -26.84 -12.13
CA TYR A 468 18.42 -27.02 -12.89
C TYR A 468 18.24 -26.54 -14.31
N VAL A 469 18.88 -25.43 -14.63
CA VAL A 469 18.79 -24.82 -15.95
C VAL A 469 19.94 -25.35 -16.81
N SER A 470 19.60 -25.99 -17.93
CA SER A 470 20.62 -26.55 -18.81
C SER A 470 21.28 -25.48 -19.69
N ASP A 471 22.24 -25.89 -20.51
CA ASP A 471 23.03 -24.95 -21.29
C ASP A 471 22.22 -24.16 -22.32
N ASP A 472 21.06 -24.69 -22.68
CA ASP A 472 20.17 -24.03 -23.64
C ASP A 472 19.06 -23.21 -22.98
N GLY A 473 19.14 -23.04 -21.66
CA GLY A 473 18.18 -22.22 -20.93
C GLY A 473 16.93 -22.95 -20.44
N LYS A 474 16.79 -24.22 -20.79
CA LYS A 474 15.62 -24.99 -20.39
C LYS A 474 15.76 -25.64 -19.01
N ALA A 475 14.63 -25.71 -18.31
CA ALA A 475 14.57 -26.35 -16.99
C ALA A 475 13.23 -27.03 -16.81
N HIS A 476 13.24 -28.14 -16.06
CA HIS A 476 11.99 -28.82 -15.75
C HIS A 476 11.39 -28.28 -14.46
N PHE A 477 10.07 -28.10 -14.49
CA PHE A 477 9.28 -27.66 -13.34
C PHE A 477 8.14 -28.62 -13.09
N SER A 478 7.99 -29.03 -11.83
CA SER A 478 6.89 -29.90 -11.41
C SER A 478 6.17 -29.26 -10.24
N ILE A 479 4.89 -28.92 -10.43
CA ILE A 479 4.08 -28.35 -9.35
C ILE A 479 2.75 -29.06 -9.26
N SER A 480 2.53 -29.74 -8.12
CA SER A 480 1.25 -30.37 -7.85
C SER A 480 0.14 -29.34 -7.67
N ASN A 481 -1.08 -29.66 -8.08
CA ASN A 481 -2.23 -28.79 -7.81
C ASN A 481 -2.56 -28.72 -6.32
N SER A 482 -2.03 -29.68 -5.56
CA SER A 482 -2.22 -29.75 -4.12
C SER A 482 -1.12 -29.02 -3.35
N ALA A 483 -0.20 -28.40 -4.08
CA ALA A 483 0.94 -27.72 -3.46
C ALA A 483 0.46 -26.63 -2.52
N GLU A 484 1.11 -26.54 -1.37
CA GLU A 484 0.83 -25.47 -0.41
C GLU A 484 1.07 -24.11 -1.07
N ASP A 485 2.18 -24.01 -1.80
CA ASP A 485 2.52 -22.84 -2.62
C ASP A 485 2.73 -23.30 -4.04
N PRO A 486 1.69 -23.21 -4.88
CA PRO A 486 1.77 -23.76 -6.23
C PRO A 486 2.45 -22.81 -7.23
N PHE A 487 3.58 -22.25 -6.83
CA PHE A 487 4.43 -21.46 -7.72
C PHE A 487 5.90 -21.57 -7.34
N ILE A 488 6.76 -21.40 -8.34
CA ILE A 488 8.21 -21.49 -8.20
C ILE A 488 8.84 -20.25 -8.83
N ALA A 489 9.82 -19.68 -8.16
CA ALA A 489 10.51 -18.50 -8.66
C ALA A 489 12.01 -18.62 -8.47
N ILE A 490 12.76 -18.34 -9.54
CA ILE A 490 14.23 -18.36 -9.51
C ILE A 490 14.79 -17.08 -10.12
N HIS A 491 15.96 -16.66 -9.66
CA HIS A 491 16.59 -15.44 -10.19
C HIS A 491 18.10 -15.45 -10.03
N ALA A 492 18.74 -14.44 -10.63
CA ALA A 492 20.20 -14.35 -10.66
C ALA A 492 20.87 -14.46 -9.29
N GLU A 493 20.23 -13.92 -8.25
CA GLU A 493 20.79 -13.97 -6.89
C GLU A 493 20.45 -15.25 -6.13
N SER A 494 19.65 -16.14 -6.74
CA SER A 494 19.35 -17.42 -6.10
C SER A 494 20.13 -18.56 -6.75
N LYS A 495 20.99 -18.20 -7.70
CA LYS A 495 21.86 -19.16 -8.38
C LYS A 495 23.01 -19.59 -7.46
N LEU A 496 23.31 -20.88 -7.46
CA LEU A 496 24.42 -21.40 -6.67
C LEU A 496 25.74 -21.23 -7.41
#